data_3GCH
#
_entry.id   3GCH
#
_cell.length_a   69.700
_cell.length_b   69.700
_cell.length_c   97.500
_cell.angle_alpha   90.00
_cell.angle_beta   90.00
_cell.angle_gamma   90.00
#
_symmetry.space_group_name_H-M   'P 42 21 2'
#
loop_
_entity.id
_entity.type
_entity.pdbx_description
1 polymer GAMMA-CHYMOTRYPSIN
2 polymer GAMMA-CHYMOTRYPSIN
3 polymer GAMMA-CHYMOTRYPSIN
4 non-polymer 'TRANS-O-HYDROXY-ALPHA-METHYL CINNAMATE'
5 water water
#
loop_
_entity_poly.entity_id
_entity_poly.type
_entity_poly.pdbx_seq_one_letter_code
_entity_poly.pdbx_strand_id
1 'polypeptide(L)' CGVPAIQPVLSGL A
2 'polypeptide(L)'
;IVNGEEAVPGSWPWQVSLQDKTGFHFCGGSLINENWVVTAAHCGVTTSDVVVAGEFDQGSSSEKIQKLKIAKVFKNSKYN
SLTINNDITLLKLSTAASFSQTVSAVCLPSASDDFAAGTTCVTTGWGLTRY
;
B
3 'polypeptide(L)'
;ANTPDRLQQASLPLLSNTNCKKYWGTKIKDAMICAGASGVSSCMGDSGGPLVCKKNGAWTLVGIVSWGSSTCSTSTPGVY
ARVTALVNWVQQTLAAN
;
C
#
# COMPACT_ATOMS: atom_id res chain seq x y z
N CYS A 1 2.59 -4.27 16.15
CA CYS A 1 2.47 -3.76 14.79
C CYS A 1 1.51 -2.58 14.85
N GLY A 2 1.44 -1.85 13.77
CA GLY A 2 0.53 -0.76 13.54
C GLY A 2 0.58 0.37 14.52
N VAL A 3 1.49 0.33 15.48
CA VAL A 3 1.62 1.50 16.36
C VAL A 3 3.00 2.13 16.17
N PRO A 4 3.16 3.12 15.29
CA PRO A 4 4.42 3.78 14.95
C PRO A 4 5.19 4.37 16.13
N ALA A 5 6.39 4.85 16.02
CA ALA A 5 7.10 5.49 17.15
C ALA A 5 6.91 7.02 17.16
N ILE A 6 6.75 7.47 15.94
CA ILE A 6 6.47 8.83 15.55
C ILE A 6 4.96 8.86 15.17
N GLN A 7 4.16 9.49 15.95
CA GLN A 7 2.71 9.41 15.65
C GLN A 7 2.36 10.28 14.49
N PRO A 8 1.76 9.70 13.45
CA PRO A 8 1.29 10.39 12.25
C PRO A 8 0.38 11.53 12.71
N VAL A 9 0.32 12.62 11.97
CA VAL A 9 -0.53 13.78 12.24
C VAL A 9 -1.49 14.06 11.07
N LEU A 10 -2.77 14.36 11.31
CA LEU A 10 -3.64 14.72 10.18
C LEU A 10 -4.31 16.09 10.29
N SER A 11 -3.65 17.00 9.52
N ILE B 1 -1.11 10.46 -4.96
CA ILE B 1 -2.24 10.95 -4.16
C ILE B 1 -2.57 12.36 -4.69
N VAL B 2 -3.66 12.67 -5.37
CA VAL B 2 -4.04 14.03 -5.75
C VAL B 2 -4.71 14.66 -4.50
N ASN B 3 -4.35 15.76 -3.93
CA ASN B 3 -5.01 16.45 -2.83
C ASN B 3 -4.84 16.02 -1.39
N GLY B 4 -3.72 15.48 -1.10
CA GLY B 4 -3.13 14.96 0.11
C GLY B 4 -2.02 15.93 0.56
N GLU B 5 -1.43 15.64 1.70
CA GLU B 5 -0.50 16.54 2.37
C GLU B 5 0.73 15.72 2.72
N GLU B 6 1.74 16.46 2.99
CA GLU B 6 3.04 15.88 3.32
C GLU B 6 2.88 15.15 4.64
N ALA B 7 3.40 13.97 4.79
CA ALA B 7 3.38 13.18 6.05
C ALA B 7 4.39 13.67 7.07
N VAL B 8 4.32 13.18 8.30
CA VAL B 8 5.33 13.48 9.36
C VAL B 8 6.40 12.40 9.12
N PRO B 9 7.68 12.67 9.03
CA PRO B 9 8.82 11.86 8.78
C PRO B 9 9.15 10.75 9.76
N GLY B 10 8.80 9.59 9.27
CA GLY B 10 8.90 8.30 9.90
C GLY B 10 7.66 7.85 10.67
N SER B 11 6.56 8.56 10.46
CA SER B 11 5.27 8.30 11.06
C SER B 11 4.47 7.22 10.38
N TRP B 12 5.00 6.59 9.36
CA TRP B 12 4.36 5.49 8.61
C TRP B 12 5.53 4.54 8.36
N PRO B 13 6.05 3.97 9.44
CA PRO B 13 7.27 3.19 9.20
C PRO B 13 7.13 1.96 8.36
N TRP B 14 5.98 1.58 7.88
CA TRP B 14 5.81 0.33 7.12
C TRP B 14 5.86 0.61 5.66
N GLN B 15 5.79 1.87 5.32
CA GLN B 15 5.85 2.23 3.87
C GLN B 15 7.22 1.93 3.29
N VAL B 16 7.17 1.23 2.15
CA VAL B 16 8.38 0.97 1.38
C VAL B 16 8.06 1.72 0.06
N SER B 17 9.21 1.87 -0.62
CA SER B 17 9.20 2.43 -1.98
C SER B 17 9.99 1.35 -2.73
N LEU B 18 9.46 0.87 -3.84
CA LEU B 18 10.13 -0.09 -4.74
C LEU B 18 10.75 0.78 -5.85
N GLN B 19 11.99 0.55 -6.14
CA GLN B 19 12.80 1.28 -7.14
C GLN B 19 13.64 0.34 -7.99
N ASP B 20 13.82 0.63 -9.26
CA ASP B 20 14.55 -0.18 -10.24
C ASP B 20 16.03 0.15 -10.21
N LYS B 21 16.88 -0.66 -10.83
CA LYS B 21 18.33 -0.40 -10.75
C LYS B 21 18.62 1.08 -10.99
N THR B 22 17.69 1.77 -11.63
CA THR B 22 17.75 3.16 -12.05
C THR B 22 17.61 4.10 -10.86
N GLY B 23 16.78 3.72 -9.91
CA GLY B 23 16.64 4.62 -8.69
C GLY B 23 15.24 5.20 -8.79
N PHE B 24 14.58 4.56 -9.79
CA PHE B 24 13.20 5.01 -10.11
C PHE B 24 12.20 4.26 -9.25
N HIS B 25 11.48 5.10 -8.54
CA HIS B 25 10.37 4.78 -7.68
C HIS B 25 9.13 4.54 -8.56
N PHE B 26 8.58 3.35 -8.45
CA PHE B 26 7.46 3.08 -9.37
C PHE B 26 6.24 2.49 -8.70
N CYS B 27 6.40 2.15 -7.42
CA CYS B 27 5.32 1.52 -6.65
C CYS B 27 5.57 1.61 -5.17
N GLY B 28 4.55 1.40 -4.35
CA GLY B 28 4.84 1.52 -2.87
C GLY B 28 4.72 0.11 -2.35
N GLY B 29 5.12 -0.27 -1.18
CA GLY B 29 5.02 -1.63 -0.63
C GLY B 29 4.65 -1.59 0.84
N SER B 30 4.38 -2.69 1.54
CA SER B 30 4.17 -2.45 3.04
C SER B 30 4.88 -3.60 3.79
N LEU B 31 5.52 -3.23 4.87
CA LEU B 31 6.27 -4.14 5.78
C LEU B 31 5.37 -4.93 6.68
N ILE B 32 5.40 -6.26 6.66
CA ILE B 32 4.40 -7.01 7.47
C ILE B 32 5.19 -7.62 8.64
N ASN B 33 6.47 -7.48 8.39
CA ASN B 33 7.47 -7.99 9.34
C ASN B 33 8.84 -7.76 8.74
N GLU B 34 9.93 -8.21 9.37
CA GLU B 34 11.26 -7.88 8.86
C GLU B 34 11.88 -8.71 7.79
N ASN B 35 11.22 -9.61 7.17
CA ASN B 35 11.75 -10.44 6.06
C ASN B 35 10.80 -10.44 4.86
N TRP B 36 9.73 -9.67 4.86
CA TRP B 36 8.66 -9.80 3.83
C TRP B 36 7.92 -8.53 3.59
N VAL B 37 7.73 -8.03 2.40
CA VAL B 37 6.99 -6.80 2.11
C VAL B 37 5.71 -7.24 1.35
N VAL B 38 4.65 -6.46 1.35
CA VAL B 38 3.47 -6.65 0.56
C VAL B 38 3.24 -5.39 -0.32
N THR B 39 3.13 -5.48 -1.57
CA THR B 39 2.78 -4.57 -2.60
C THR B 39 1.80 -5.30 -3.53
N ALA B 40 1.53 -4.71 -4.65
CA ALA B 40 0.61 -5.19 -5.66
C ALA B 40 1.22 -6.07 -6.72
N ALA B 41 0.41 -7.00 -7.26
CA ALA B 41 0.82 -7.91 -8.35
C ALA B 41 1.19 -7.22 -9.66
N HIS B 42 0.36 -6.21 -9.90
CA HIS B 42 0.50 -5.46 -11.16
C HIS B 42 1.83 -4.74 -11.06
N CYS B 43 2.19 -4.45 -9.82
CA CYS B 43 3.42 -3.60 -9.82
C CYS B 43 4.44 -4.13 -10.84
N GLY B 44 4.62 -5.42 -10.79
CA GLY B 44 5.47 -6.28 -11.59
C GLY B 44 6.92 -6.30 -11.07
N VAL B 45 7.10 -6.49 -9.79
CA VAL B 45 8.40 -6.43 -9.12
C VAL B 45 9.28 -7.60 -9.55
N THR B 46 10.55 -7.34 -9.81
CA THR B 46 11.49 -8.41 -10.25
C THR B 46 12.55 -8.47 -9.15
N THR B 47 13.53 -9.36 -9.21
CA THR B 47 14.49 -9.47 -8.09
C THR B 47 15.67 -8.58 -8.36
N SER B 48 15.53 -7.77 -9.42
CA SER B 48 16.56 -6.77 -9.76
C SER B 48 16.18 -5.38 -9.25
N ASP B 49 14.96 -5.26 -8.72
CA ASP B 49 14.46 -4.03 -8.06
C ASP B 49 14.88 -4.06 -6.59
N VAL B 50 14.87 -2.82 -6.03
CA VAL B 50 15.24 -2.66 -4.60
C VAL B 50 14.11 -2.04 -3.80
N VAL B 51 13.93 -2.62 -2.61
CA VAL B 51 12.96 -2.24 -1.59
C VAL B 51 13.66 -1.17 -0.74
N VAL B 52 13.02 -0.07 -0.51
CA VAL B 52 13.72 1.00 0.23
C VAL B 52 12.81 1.39 1.40
N ALA B 53 13.44 1.30 2.58
CA ALA B 53 12.69 1.73 3.77
C ALA B 53 13.49 2.66 4.62
N GLY B 54 12.67 3.45 5.28
CA GLY B 54 13.07 4.51 6.17
C GLY B 54 13.06 5.82 5.37
N GLU B 55 12.81 5.74 4.08
CA GLU B 55 12.82 6.95 3.27
C GLU B 55 11.71 7.90 3.61
N PHE B 56 11.84 9.19 3.36
CA PHE B 56 10.78 10.17 3.52
C PHE B 56 10.86 11.10 2.30
N ASP B 57 12.03 11.65 2.11
CA ASP B 57 12.34 12.55 0.99
C ASP B 57 13.24 11.79 0.03
N GLN B 58 12.64 11.43 -1.11
CA GLN B 58 13.31 10.63 -2.11
C GLN B 58 14.61 11.29 -2.64
N GLY B 59 14.60 12.59 -2.56
CA GLY B 59 15.63 13.49 -3.00
C GLY B 59 16.65 13.93 -1.98
N SER B 60 16.73 13.34 -0.83
CA SER B 60 17.69 13.66 0.20
C SER B 60 18.79 12.61 0.23
N SER B 61 20.01 13.11 0.35
CA SER B 61 21.13 12.15 0.52
C SER B 61 21.44 11.88 2.00
N SER B 62 21.04 12.77 2.88
CA SER B 62 21.45 12.69 4.29
C SER B 62 20.58 11.87 5.22
N GLU B 63 19.66 11.18 4.59
CA GLU B 63 18.64 10.35 5.23
C GLU B 63 19.07 8.92 5.24
N LYS B 64 19.38 8.37 6.39
CA LYS B 64 19.69 7.02 6.78
C LYS B 64 18.64 5.96 6.38
N ILE B 65 18.40 5.81 5.12
CA ILE B 65 17.43 4.89 4.56
C ILE B 65 18.07 3.49 4.44
N GLN B 66 17.17 2.51 4.38
CA GLN B 66 17.63 1.14 4.16
C GLN B 66 17.41 0.51 2.79
N LYS B 67 18.33 0.31 1.90
CA LYS B 67 18.12 -0.34 0.60
C LYS B 67 18.12 -1.85 0.60
N LEU B 68 17.00 -2.57 0.62
CA LEU B 68 16.85 -4.01 0.74
C LEU B 68 16.77 -4.81 -0.53
N LYS B 69 17.52 -5.95 -0.62
CA LYS B 69 17.41 -6.77 -1.86
C LYS B 69 16.27 -7.75 -1.74
N ILE B 70 15.72 -8.10 -2.91
CA ILE B 70 14.63 -9.09 -3.04
C ILE B 70 15.15 -10.48 -3.32
N ALA B 71 14.95 -11.41 -2.37
CA ALA B 71 15.23 -12.82 -2.61
C ALA B 71 14.26 -13.43 -3.62
N LYS B 72 12.95 -13.38 -3.26
CA LYS B 72 11.92 -14.08 -4.09
C LYS B 72 10.63 -13.37 -4.36
N VAL B 73 10.11 -13.26 -5.55
CA VAL B 73 8.76 -12.61 -5.74
C VAL B 73 7.70 -13.72 -5.72
N PHE B 74 6.69 -13.50 -4.90
CA PHE B 74 5.58 -14.45 -4.72
C PHE B 74 4.29 -13.81 -5.17
N LYS B 75 3.87 -13.88 -6.40
CA LYS B 75 2.62 -13.30 -6.93
C LYS B 75 1.42 -14.16 -6.56
N ASN B 76 0.32 -13.69 -6.05
CA ASN B 76 -0.81 -14.62 -5.73
C ASN B 76 -1.14 -15.40 -6.99
N SER B 77 -1.52 -16.66 -6.98
CA SER B 77 -1.89 -17.40 -8.18
C SER B 77 -3.33 -17.18 -8.60
N LYS B 78 -4.10 -16.51 -7.77
CA LYS B 78 -5.48 -16.13 -8.04
C LYS B 78 -5.49 -14.77 -8.74
N TYR B 79 -4.36 -14.12 -8.83
CA TYR B 79 -4.12 -12.90 -9.54
C TYR B 79 -4.66 -13.01 -10.98
N ASN B 80 -5.51 -12.06 -11.32
CA ASN B 80 -6.17 -11.89 -12.61
C ASN B 80 -5.86 -10.56 -13.26
N SER B 81 -4.80 -10.79 -14.01
CA SER B 81 -4.15 -9.84 -14.92
C SER B 81 -5.12 -9.12 -15.82
N LEU B 82 -6.15 -9.77 -16.33
CA LEU B 82 -7.15 -9.11 -17.18
C LEU B 82 -8.17 -8.34 -16.35
N THR B 83 -8.26 -8.80 -15.09
CA THR B 83 -9.27 -8.15 -14.25
C THR B 83 -8.63 -7.13 -13.27
N ILE B 84 -7.41 -7.47 -12.85
CA ILE B 84 -6.76 -6.84 -11.72
C ILE B 84 -7.51 -7.30 -10.43
N ASN B 85 -8.07 -8.51 -10.43
CA ASN B 85 -8.69 -9.13 -9.24
C ASN B 85 -7.63 -9.89 -8.43
N ASN B 86 -7.55 -9.74 -7.13
CA ASN B 86 -6.58 -10.48 -6.27
C ASN B 86 -5.12 -10.08 -6.47
N ASP B 87 -4.75 -8.87 -6.53
CA ASP B 87 -3.65 -8.02 -6.83
C ASP B 87 -2.79 -7.65 -5.61
N ILE B 88 -2.22 -8.77 -5.24
CA ILE B 88 -1.34 -8.90 -4.07
C ILE B 88 -0.15 -9.72 -4.45
N THR B 89 1.03 -9.16 -4.19
CA THR B 89 2.27 -9.88 -4.43
C THR B 89 3.05 -9.80 -3.08
N LEU B 90 3.60 -10.92 -2.78
CA LEU B 90 4.52 -10.80 -1.60
C LEU B 90 5.94 -10.72 -2.07
N LEU B 91 6.73 -10.01 -1.29
CA LEU B 91 8.17 -9.97 -1.57
C LEU B 91 8.92 -10.47 -0.34
N LYS B 92 9.77 -11.44 -0.72
CA LYS B 92 10.67 -12.05 0.32
C LYS B 92 12.03 -11.43 0.17
N LEU B 93 12.52 -10.75 1.15
CA LEU B 93 13.84 -10.09 1.25
C LEU B 93 15.04 -10.99 1.55
N SER B 94 16.12 -10.79 0.80
CA SER B 94 17.33 -11.62 0.91
C SER B 94 18.14 -11.27 2.17
N THR B 95 17.92 -10.03 2.53
CA THR B 95 18.60 -9.43 3.70
C THR B 95 17.55 -8.68 4.51
N ALA B 96 17.41 -9.02 5.75
CA ALA B 96 16.47 -8.58 6.72
C ALA B 96 16.41 -7.08 6.95
N ALA B 97 15.22 -6.55 7.06
CA ALA B 97 15.10 -5.11 7.44
C ALA B 97 15.48 -5.06 8.93
N SER B 98 16.05 -4.00 9.36
CA SER B 98 16.46 -3.64 10.71
C SER B 98 15.32 -2.75 11.20
N PHE B 99 14.65 -3.26 12.25
CA PHE B 99 13.53 -2.44 12.77
C PHE B 99 14.06 -1.34 13.68
N SER B 100 13.34 -0.21 13.50
CA SER B 100 13.78 1.00 14.24
C SER B 100 12.60 1.93 14.47
N GLN B 101 12.95 3.16 14.79
CA GLN B 101 11.89 4.14 15.07
C GLN B 101 11.22 4.54 13.78
N THR B 102 11.88 4.22 12.65
CA THR B 102 11.35 4.52 11.34
C THR B 102 11.11 3.30 10.46
N VAL B 103 11.37 2.09 10.88
CA VAL B 103 11.03 0.92 10.05
C VAL B 103 10.22 -0.01 10.96
N SER B 104 8.94 -0.15 10.62
CA SER B 104 8.13 -1.11 11.46
C SER B 104 7.10 -1.84 10.64
N ALA B 105 6.42 -2.78 11.25
CA ALA B 105 5.46 -3.66 10.57
C ALA B 105 4.06 -3.08 10.60
N VAL B 106 3.28 -3.41 9.58
CA VAL B 106 1.86 -2.97 9.66
C VAL B 106 1.14 -4.22 10.17
N CYS B 107 -0.05 -3.98 10.73
CA CYS B 107 -0.89 -5.08 11.17
C CYS B 107 -1.78 -5.51 9.99
N LEU B 108 -1.79 -6.84 9.88
CA LEU B 108 -2.66 -7.60 8.99
C LEU B 108 -3.93 -7.96 9.78
N PRO B 109 -5.06 -7.89 9.20
CA PRO B 109 -6.36 -8.25 9.79
C PRO B 109 -6.74 -9.75 9.72
N SER B 110 -7.91 -10.01 10.29
CA SER B 110 -8.55 -11.33 10.30
C SER B 110 -9.26 -11.54 8.96
N ALA B 111 -9.40 -12.78 8.49
CA ALA B 111 -10.17 -12.84 7.22
C ALA B 111 -11.52 -12.24 7.69
N SER B 112 -11.68 -12.56 8.96
CA SER B 112 -12.88 -12.20 9.71
C SER B 112 -13.06 -10.70 9.80
N ASP B 113 -12.01 -9.95 10.06
CA ASP B 113 -12.09 -8.48 10.26
C ASP B 113 -13.12 -7.80 9.37
N ASP B 114 -13.95 -6.97 9.93
CA ASP B 114 -14.96 -6.13 9.22
C ASP B 114 -14.36 -4.71 9.28
N PHE B 115 -14.61 -4.02 8.20
CA PHE B 115 -14.12 -2.64 7.96
C PHE B 115 -15.23 -2.05 7.10
N ALA B 116 -16.20 -1.46 7.70
CA ALA B 116 -17.43 -0.88 7.23
C ALA B 116 -17.39 0.46 6.52
N ALA B 117 -18.30 0.72 5.60
CA ALA B 117 -18.43 1.85 4.72
C ALA B 117 -18.76 3.18 5.36
N GLY B 118 -18.14 4.25 4.98
CA GLY B 118 -18.18 5.57 5.53
C GLY B 118 -17.10 5.68 6.63
N THR B 119 -16.38 4.60 6.88
CA THR B 119 -15.23 4.58 7.77
C THR B 119 -14.03 5.29 7.11
N THR B 120 -13.49 6.24 7.83
CA THR B 120 -12.35 7.07 7.61
C THR B 120 -11.06 6.30 7.91
N CYS B 121 -10.40 6.17 6.77
CA CYS B 121 -9.12 5.50 6.58
C CYS B 121 -8.10 6.48 6.08
N VAL B 122 -6.88 6.00 5.86
CA VAL B 122 -5.76 6.79 5.36
C VAL B 122 -4.88 5.98 4.40
N THR B 123 -4.55 6.61 3.27
CA THR B 123 -3.68 5.97 2.27
C THR B 123 -2.48 6.87 2.06
N THR B 124 -1.30 6.48 1.80
CA THR B 124 -0.02 7.13 1.67
C THR B 124 0.76 6.59 0.46
N GLY B 125 1.86 7.24 0.11
CA GLY B 125 2.73 6.83 -0.99
C GLY B 125 3.43 8.01 -1.63
N TRP B 126 4.16 7.78 -2.72
CA TRP B 126 4.88 8.82 -3.44
C TRP B 126 4.47 8.85 -4.92
N GLY B 127 3.18 8.89 -5.16
CA GLY B 127 2.42 8.90 -6.37
C GLY B 127 2.18 10.27 -6.94
N LEU B 128 1.85 10.35 -8.24
CA LEU B 128 1.54 11.65 -8.87
C LEU B 128 0.75 12.46 -7.85
N THR B 129 1.07 13.73 -7.78
CA THR B 129 0.33 14.59 -6.83
C THR B 129 -0.64 15.46 -7.68
N ARG B 130 -0.36 15.45 -8.96
CA ARG B 130 -1.08 16.15 -9.97
C ARG B 130 -1.06 15.25 -11.21
N TYR B 131 -2.20 15.45 -11.88
CA TYR B 131 -2.46 14.64 -13.06
C TYR B 131 -1.97 15.08 -14.38
N THR C 3 6.51 12.70 -9.89
CA THR C 3 6.09 12.39 -8.48
C THR C 3 6.60 13.37 -7.46
N PRO C 4 6.00 13.44 -6.29
CA PRO C 4 6.57 14.29 -5.20
C PRO C 4 7.79 13.53 -4.65
N ASP C 5 8.69 14.26 -4.06
CA ASP C 5 9.91 13.66 -3.43
C ASP C 5 9.62 13.02 -2.08
N ARG C 6 8.81 13.71 -1.29
CA ARG C 6 8.54 13.23 0.10
C ARG C 6 7.10 12.75 0.18
N LEU C 7 6.90 11.75 1.04
CA LEU C 7 5.66 11.05 1.29
C LEU C 7 4.43 11.85 1.67
N GLN C 8 3.36 11.60 0.95
CA GLN C 8 2.04 12.22 1.14
C GLN C 8 1.05 11.32 1.80
N GLN C 9 -0.03 11.87 2.34
CA GLN C 9 -1.06 11.09 3.05
C GLN C 9 -2.39 11.76 2.83
N ALA C 10 -3.45 11.06 2.79
CA ALA C 10 -4.81 11.55 2.61
C ALA C 10 -5.73 10.56 3.40
N SER C 11 -6.74 11.17 4.02
CA SER C 11 -7.81 10.44 4.71
C SER C 11 -8.91 10.26 3.64
N LEU C 12 -9.70 9.26 3.73
CA LEU C 12 -10.74 9.14 2.62
C LEU C 12 -11.73 8.19 3.17
N PRO C 13 -12.97 8.20 2.85
CA PRO C 13 -13.95 7.24 3.44
C PRO C 13 -14.04 6.01 2.59
N LEU C 14 -14.09 4.83 3.18
CA LEU C 14 -14.29 3.57 2.41
C LEU C 14 -15.74 3.49 1.93
N LEU C 15 -16.07 2.83 0.84
CA LEU C 15 -17.52 2.71 0.50
C LEU C 15 -17.84 1.23 0.43
N SER C 16 -19.09 0.91 0.28
CA SER C 16 -19.56 -0.51 0.09
C SER C 16 -19.18 -0.86 -1.34
N ASN C 17 -19.12 -2.15 -1.72
CA ASN C 17 -18.75 -2.35 -3.16
C ASN C 17 -19.92 -1.87 -4.04
N THR C 18 -21.11 -2.06 -3.52
CA THR C 18 -22.38 -1.79 -4.20
C THR C 18 -22.58 -0.38 -4.73
N ASN C 19 -22.38 0.58 -3.84
CA ASN C 19 -22.38 1.99 -4.14
C ASN C 19 -21.16 2.22 -5.03
N CYS C 20 -20.19 1.31 -4.96
CA CYS C 20 -18.97 1.42 -5.81
C CYS C 20 -19.26 0.96 -7.24
N LYS C 21 -20.07 -0.07 -7.32
CA LYS C 21 -20.52 -0.59 -8.62
C LYS C 21 -21.24 0.48 -9.42
N LYS C 22 -21.74 1.42 -8.63
CA LYS C 22 -22.51 2.55 -9.18
C LYS C 22 -21.64 3.33 -10.17
N TYR C 23 -20.36 3.24 -9.91
CA TYR C 23 -19.21 3.78 -10.55
C TYR C 23 -18.47 2.80 -11.46
N TRP C 24 -17.92 1.75 -10.88
CA TRP C 24 -17.01 0.85 -11.58
C TRP C 24 -17.61 -0.36 -12.25
N GLY C 25 -18.91 -0.54 -11.99
CA GLY C 25 -19.64 -1.65 -12.54
C GLY C 25 -19.17 -3.04 -12.06
N THR C 26 -19.08 -3.89 -13.08
CA THR C 26 -18.70 -5.30 -12.87
C THR C 26 -17.20 -5.44 -12.89
N LYS C 27 -16.56 -4.27 -12.74
CA LYS C 27 -15.09 -4.28 -12.66
C LYS C 27 -14.74 -4.57 -11.23
N ILE C 28 -15.54 -4.09 -10.31
CA ILE C 28 -15.44 -4.26 -8.86
C ILE C 28 -15.61 -5.76 -8.58
N LYS C 29 -14.63 -6.38 -7.98
CA LYS C 29 -14.70 -7.85 -7.75
C LYS C 29 -14.75 -8.05 -6.27
N ASP C 30 -14.91 -9.26 -5.74
CA ASP C 30 -15.16 -9.31 -4.29
C ASP C 30 -13.89 -9.07 -3.52
N ALA C 31 -12.77 -9.46 -4.05
CA ALA C 31 -11.44 -9.22 -3.41
C ALA C 31 -10.97 -7.79 -3.65
N MET C 32 -11.87 -6.90 -4.03
CA MET C 32 -11.48 -5.48 -4.28
C MET C 32 -12.39 -4.62 -3.41
N ILE C 33 -11.92 -3.51 -2.88
CA ILE C 33 -12.51 -2.61 -1.90
C ILE C 33 -12.33 -1.16 -2.24
N CYS C 34 -13.41 -0.40 -2.47
CA CYS C 34 -13.25 1.02 -2.89
C CYS C 34 -13.16 1.98 -1.72
N ALA C 35 -12.56 3.14 -1.97
CA ALA C 35 -12.36 4.23 -1.05
C ALA C 35 -12.06 5.50 -1.89
N GLY C 36 -12.42 6.60 -1.38
CA GLY C 36 -12.45 7.94 -1.66
C GLY C 36 -13.71 8.63 -2.18
N ALA C 37 -13.40 9.29 -3.33
CA ALA C 37 -14.41 10.11 -4.02
C ALA C 37 -14.83 11.13 -2.93
N SER C 38 -13.82 11.60 -2.26
CA SER C 38 -13.80 12.47 -1.12
C SER C 38 -13.13 13.81 -1.38
N GLY C 39 -12.55 13.95 -2.55
CA GLY C 39 -11.72 15.12 -2.88
C GLY C 39 -10.22 14.81 -2.84
N VAL C 40 -9.87 13.57 -2.63
CA VAL C 40 -8.50 13.01 -2.60
C VAL C 40 -8.52 11.88 -3.64
N SER C 41 -7.37 11.53 -4.19
CA SER C 41 -7.23 10.47 -5.14
C SER C 41 -5.83 9.83 -5.10
N SER C 42 -5.91 8.49 -5.02
CA SER C 42 -4.63 7.69 -5.11
C SER C 42 -4.23 7.93 -6.57
N CYS C 43 -3.03 7.56 -6.96
CA CYS C 43 -2.65 7.91 -8.39
C CYS C 43 -1.38 7.16 -8.76
N MET C 44 -0.93 7.39 -9.96
CA MET C 44 0.22 6.70 -10.53
C MET C 44 1.40 6.75 -9.53
N GLY C 45 1.96 5.57 -9.35
CA GLY C 45 3.11 5.49 -8.41
C GLY C 45 2.66 5.15 -7.02
N ASP C 46 1.38 5.38 -6.72
CA ASP C 46 0.79 5.03 -5.44
C ASP C 46 0.70 3.51 -5.22
N SER C 47 0.59 2.74 -6.32
CA SER C 47 0.35 1.32 -6.20
C SER C 47 1.36 0.49 -5.44
N GLY C 48 0.75 -0.60 -4.92
CA GLY C 48 1.55 -1.56 -4.11
C GLY C 48 1.32 -1.09 -2.66
N GLY C 49 1.07 0.20 -2.54
CA GLY C 49 0.95 0.89 -1.29
C GLY C 49 -0.25 0.65 -0.42
N PRO C 50 -0.07 0.99 0.86
CA PRO C 50 -1.00 1.03 1.93
C PRO C 50 -2.28 1.85 1.96
N LEU C 51 -3.31 1.06 2.31
CA LEU C 51 -4.58 1.49 2.76
C LEU C 51 -4.85 0.91 4.15
N VAL C 52 -4.64 1.81 5.08
CA VAL C 52 -4.80 1.54 6.52
C VAL C 52 -6.03 2.07 7.22
N CYS C 53 -6.37 1.30 8.27
CA CYS C 53 -7.49 1.76 9.11
C CYS C 53 -7.03 1.47 10.56
N LYS C 54 -7.63 2.31 11.38
CA LYS C 54 -7.46 2.30 12.81
C LYS C 54 -8.38 1.25 13.44
N LYS C 55 -7.76 0.26 14.03
CA LYS C 55 -8.57 -0.79 14.70
C LYS C 55 -7.86 -1.22 15.97
N ASN C 56 -8.47 -0.71 17.04
CA ASN C 56 -8.23 -0.95 18.44
C ASN C 56 -6.73 -0.73 18.81
N GLY C 57 -6.25 0.42 18.44
CA GLY C 57 -4.96 0.98 18.69
C GLY C 57 -3.98 1.06 17.54
N ALA C 58 -4.04 0.05 16.68
CA ALA C 58 -3.14 -0.17 15.56
C ALA C 58 -3.73 0.05 14.18
N TRP C 59 -2.82 0.47 13.31
CA TRP C 59 -3.15 0.62 11.85
C TRP C 59 -3.15 -0.82 11.30
N THR C 60 -4.22 -1.20 10.62
CA THR C 60 -4.30 -2.57 10.07
C THR C 60 -4.22 -2.49 8.55
N LEU C 61 -3.53 -3.38 7.88
CA LEU C 61 -3.51 -3.28 6.39
C LEU C 61 -4.90 -3.61 5.86
N VAL C 62 -5.67 -2.59 5.50
CA VAL C 62 -7.02 -2.85 4.98
C VAL C 62 -7.08 -2.91 3.49
N GLY C 63 -6.18 -2.27 2.77
CA GLY C 63 -6.31 -2.41 1.28
C GLY C 63 -5.04 -2.09 0.57
N ILE C 64 -4.91 -2.40 -0.70
CA ILE C 64 -3.61 -2.10 -1.38
C ILE C 64 -3.96 -1.29 -2.63
N VAL C 65 -3.48 -0.07 -2.76
CA VAL C 65 -3.80 0.72 -3.99
C VAL C 65 -3.57 -0.21 -5.19
N SER C 66 -4.58 -0.38 -5.98
CA SER C 66 -4.53 -1.20 -7.14
C SER C 66 -4.88 -0.39 -8.35
N TRP C 67 -6.01 0.31 -8.43
CA TRP C 67 -6.39 1.01 -9.68
C TRP C 67 -7.55 1.97 -9.47
N GLY C 68 -7.95 2.60 -10.59
CA GLY C 68 -9.11 3.49 -10.69
C GLY C 68 -8.97 4.47 -11.87
N SER C 69 -9.52 5.65 -11.70
CA SER C 69 -9.44 6.72 -12.70
C SER C 69 -8.18 6.86 -13.52
N SER C 70 -8.39 7.09 -14.81
CA SER C 70 -7.21 7.28 -15.73
C SER C 70 -6.50 8.58 -15.42
N THR C 71 -7.21 9.46 -14.82
CA THR C 71 -7.07 10.87 -14.57
C THR C 71 -6.91 11.30 -13.13
N CYS C 72 -6.97 10.25 -12.33
CA CYS C 72 -6.95 10.37 -10.86
C CYS C 72 -8.02 11.31 -10.32
N SER C 73 -9.26 11.06 -10.67
CA SER C 73 -10.38 11.90 -10.28
C SER C 73 -10.83 11.70 -8.84
N THR C 74 -10.81 12.79 -8.11
CA THR C 74 -11.20 13.04 -6.75
C THR C 74 -12.70 12.81 -6.61
N SER C 75 -13.31 12.58 -7.75
CA SER C 75 -14.74 12.21 -7.83
C SER C 75 -14.83 10.70 -7.95
N THR C 76 -14.05 10.08 -8.81
CA THR C 76 -14.16 8.58 -8.87
C THR C 76 -13.45 8.04 -7.63
N PRO C 77 -14.07 7.05 -7.00
CA PRO C 77 -13.46 6.29 -5.90
C PRO C 77 -12.26 5.48 -6.42
N GLY C 78 -11.22 5.42 -5.63
CA GLY C 78 -10.10 4.50 -6.02
C GLY C 78 -10.55 3.07 -5.64
N VAL C 79 -9.86 2.08 -6.13
CA VAL C 79 -10.05 0.65 -5.93
C VAL C 79 -8.72 0.01 -5.51
N TYR C 80 -8.81 -0.56 -4.31
CA TYR C 80 -7.69 -1.22 -3.64
C TYR C 80 -7.92 -2.73 -3.48
N ALA C 81 -6.82 -3.39 -3.17
CA ALA C 81 -6.91 -4.86 -2.88
C ALA C 81 -7.67 -4.90 -1.55
N ARG C 82 -8.33 -5.99 -1.27
CA ARG C 82 -9.12 -6.31 -0.09
C ARG C 82 -8.36 -7.39 0.69
N VAL C 83 -7.44 -6.89 1.53
CA VAL C 83 -6.53 -7.68 2.36
C VAL C 83 -7.26 -8.78 3.13
N THR C 84 -8.49 -8.52 3.51
CA THR C 84 -9.32 -9.57 4.20
C THR C 84 -9.53 -10.78 3.37
N ALA C 85 -9.56 -10.65 2.05
CA ALA C 85 -9.93 -11.79 1.15
C ALA C 85 -8.68 -12.54 0.70
N LEU C 86 -7.55 -12.00 1.09
CA LEU C 86 -6.20 -12.41 0.77
C LEU C 86 -5.24 -12.67 1.89
N VAL C 87 -5.63 -12.28 3.11
CA VAL C 87 -4.69 -12.52 4.25
C VAL C 87 -4.51 -14.02 4.43
N ASN C 88 -5.52 -14.76 3.96
CA ASN C 88 -5.49 -16.26 4.15
C ASN C 88 -4.27 -16.81 3.39
N TRP C 89 -4.06 -16.41 2.17
CA TRP C 89 -2.93 -16.70 1.30
C TRP C 89 -1.62 -16.16 1.82
N VAL C 90 -1.55 -14.94 2.32
CA VAL C 90 -0.38 -14.28 2.92
C VAL C 90 0.11 -15.17 4.11
N GLN C 91 -0.85 -15.51 4.96
CA GLN C 91 -0.64 -16.29 6.20
C GLN C 91 0.12 -17.57 5.97
N GLN C 92 -0.27 -18.08 4.81
CA GLN C 92 0.15 -19.27 4.15
C GLN C 92 1.43 -19.10 3.38
N THR C 93 1.76 -18.02 2.70
CA THR C 93 3.05 -18.10 2.01
C THR C 93 4.19 -18.16 3.03
N LEU C 94 3.91 -17.47 4.13
CA LEU C 94 4.94 -17.27 5.18
C LEU C 94 5.17 -18.58 5.91
N ALA C 95 4.08 -19.20 6.30
CA ALA C 95 4.30 -20.51 6.95
C ALA C 95 5.34 -21.25 6.09
N ALA C 96 5.05 -21.39 4.83
CA ALA C 96 5.79 -22.12 3.83
C ALA C 96 7.21 -21.77 3.56
N ASN C 97 7.60 -20.53 3.38
CA ASN C 97 8.94 -20.10 3.03
C ASN C 97 9.78 -19.54 4.16
#